data_6DDV
#
_entry.id   6DDV
#
_cell.length_a   66.505
_cell.length_b   89.776
_cell.length_c   89.722
_cell.angle_alpha   90.000
_cell.angle_beta   90.000
_cell.angle_gamma   90.000
#
_symmetry.space_group_name_H-M   'P 21 21 21'
#
loop_
_entity.id
_entity.type
_entity.pdbx_description
1 polymer 'Anti-MICA Fab fragment heavy chain clone 6E1'
2 polymer 'MHC class I chain-related protein A'
3 polymer 'Anti-MICA Fab fragment light chain clone 6E1'
4 water water
#
loop_
_entity_poly.entity_id
_entity_poly.type
_entity_poly.pdbx_seq_one_letter_code
_entity_poly.pdbx_strand_id
1 'polypeptide(L)'
;QGQMQQSGAELVKPGASVKLSCKTSGFTFSDNYISWLKQKPGQSLEWIAWIYAGTGGSSYNQKFRDKAQLTVDTSSRTAY
MQLSSLTTEDSAIYYCARHDYYGTSGAWFAYWGRGTLVTVSAASTKGPSVFPLAPSSKSTSGGTAALGCLVKDYFPEPVT
VSWNSGALTSGVHTFPAVLQSSGLYSLSSVVTVPSSSLGTQTYICNVNHKPSNTKVDKKVEPKSCD
;
B
2 'polypeptide(L)'
;TVPPMVNVTRSEASEGNITVTCRASSFYPRNIILTWRQDGVSLSHDTQQWGDVLPDGNGTYQTWVATRISRGEEQRFTCY
MEHSGNHSTHPVPS
;
C
3 'polypeptide(L)'
;DVLMTQTPLSLPVSLGDQASISCRSSQHIVHSNENTYLEWYLQKPGQSPKLLIYKVSNRFSGVPDRFSGSGSGTDFTLKI
SRVEAEDLGVYYCFQGSHVPWTFGGGTKLEIKRTVAAPSVFIFPPSDEQLKSGTASVVCLLNNFYPREAKVQWKVDNALQ
SGNSQESVTEQDSKDSTYSLSSTLTLSKADYEKHKVYACEVTHQGLSSPVTKSFNRGEC
;
A
#
# COMPACT_ATOMS: atom_id res chain seq x y z
N GLY A 2 1.11 -0.47 16.92
CA GLY A 2 1.59 -1.88 17.04
C GLY A 2 2.32 -2.39 15.81
N GLN A 3 2.24 -3.69 15.57
CA GLN A 3 2.82 -4.34 14.39
C GLN A 3 1.84 -5.33 13.81
N MET A 4 1.86 -5.47 12.48
CA MET A 4 1.02 -6.43 11.78
C MET A 4 1.88 -7.09 10.70
N GLN A 5 2.50 -8.21 11.07
CA GLN A 5 3.46 -8.92 10.20
C GLN A 5 2.73 -9.93 9.33
N GLN A 6 2.65 -9.64 8.03
CA GLN A 6 2.08 -10.57 7.06
C GLN A 6 3.14 -11.52 6.53
N SER A 7 2.73 -12.73 6.21
CA SER A 7 3.62 -13.76 5.67
C SER A 7 4.10 -13.38 4.27
N GLY A 8 5.22 -13.97 3.87
CA GLY A 8 5.84 -13.70 2.57
C GLY A 8 4.99 -14.18 1.41
N ALA A 9 5.32 -13.68 0.21
CA ALA A 9 4.58 -14.01 -1.01
C ALA A 9 4.46 -15.51 -1.24
N GLU A 10 3.34 -15.91 -1.86
CA GLU A 10 3.01 -17.33 -2.08
C GLU A 10 2.88 -17.61 -3.58
N LEU A 11 3.44 -18.74 -4.01
CA LEU A 11 3.12 -19.34 -5.30
C LEU A 11 2.25 -20.55 -5.00
N VAL A 12 1.08 -20.62 -5.63
CA VAL A 12 0.16 -21.74 -5.41
C VAL A 12 -0.52 -22.20 -6.70
N LYS A 13 -0.72 -23.50 -6.81
CA LYS A 13 -1.24 -24.11 -8.03
C LYS A 13 -2.73 -23.82 -8.20
N PRO A 14 -3.22 -23.77 -9.46
CA PRO A 14 -4.66 -23.64 -9.72
C PRO A 14 -5.48 -24.78 -9.10
N GLY A 15 -6.59 -24.45 -8.44
CA GLY A 15 -7.42 -25.44 -7.75
C GLY A 15 -7.04 -25.67 -6.30
N ALA A 16 -5.79 -25.38 -5.93
CA ALA A 16 -5.31 -25.52 -4.55
C ALA A 16 -5.79 -24.35 -3.69
N SER A 17 -5.46 -24.43 -2.40
CA SER A 17 -5.78 -23.40 -1.43
C SER A 17 -4.50 -22.90 -0.75
N VAL A 18 -4.63 -21.79 -0.03
CA VAL A 18 -3.52 -21.19 0.72
C VAL A 18 -4.08 -20.51 1.96
N LYS A 19 -3.33 -20.57 3.06
CA LYS A 19 -3.74 -19.92 4.31
C LYS A 19 -2.79 -18.79 4.62
N LEU A 20 -3.28 -17.57 4.47
CA LEU A 20 -2.49 -16.36 4.74
C LEU A 20 -2.61 -16.00 6.22
N SER A 21 -1.53 -15.48 6.78
CA SER A 21 -1.46 -15.14 8.19
C SER A 21 -1.13 -13.66 8.39
N CYS A 22 -1.64 -13.09 9.48
CA CYS A 22 -1.39 -11.70 9.88
C CYS A 22 -1.07 -11.70 11.39
N LYS A 23 0.19 -11.95 11.72
CA LYS A 23 0.66 -11.99 13.11
C LYS A 23 0.84 -10.57 13.62
N THR A 24 0.27 -10.27 14.79
CA THR A 24 0.25 -8.91 15.33
C THR A 24 0.80 -8.80 16.75
N SER A 25 1.11 -7.56 17.16
CA SER A 25 1.56 -7.26 18.51
C SER A 25 1.41 -5.76 18.80
N GLY A 26 1.64 -5.39 20.06
CA GLY A 26 1.63 -3.98 20.47
C GLY A 26 0.26 -3.32 20.57
N PHE A 27 -0.81 -4.12 20.68
CA PHE A 27 -2.16 -3.61 20.90
C PHE A 27 -3.13 -4.71 21.32
N THR A 28 -4.23 -4.31 21.97
CA THR A 28 -5.25 -5.23 22.43
C THR A 28 -5.97 -5.86 21.23
N PHE A 29 -5.50 -7.05 20.87
CA PHE A 29 -5.96 -7.76 19.67
C PHE A 29 -7.46 -8.07 19.66
N SER A 30 -8.01 -8.41 20.83
CA SER A 30 -9.43 -8.77 20.95
C SER A 30 -10.42 -7.61 20.78
N ASP A 31 -9.93 -6.37 20.82
CA ASP A 31 -10.76 -5.18 20.63
C ASP A 31 -10.70 -4.59 19.20
N ASN A 32 -10.45 -5.45 18.20
CA ASN A 32 -10.18 -5.02 16.83
C ASN A 32 -10.93 -5.85 15.79
N TYR A 33 -11.56 -5.18 14.82
CA TYR A 33 -12.08 -5.87 13.64
C TYR A 33 -10.94 -6.02 12.64
N ILE A 34 -10.59 -7.26 12.29
CA ILE A 34 -9.58 -7.53 11.26
C ILE A 34 -10.29 -7.72 9.91
N SER A 35 -10.06 -6.79 8.98
CA SER A 35 -10.53 -6.92 7.60
C SER A 35 -9.43 -7.45 6.71
N TRP A 36 -9.82 -8.12 5.63
CA TRP A 36 -8.92 -8.52 4.56
C TRP A 36 -9.34 -7.86 3.25
N LEU A 37 -8.37 -7.28 2.55
CA LEU A 37 -8.63 -6.59 1.28
C LEU A 37 -7.74 -7.13 0.16
N LYS A 38 -8.28 -7.08 -1.06
CA LYS A 38 -7.65 -7.62 -2.26
C LYS A 38 -7.28 -6.46 -3.19
N GLN A 39 -6.02 -6.43 -3.62
CA GLN A 39 -5.57 -5.48 -4.64
C GLN A 39 -4.73 -6.19 -5.70
N LYS A 40 -5.22 -6.19 -6.93
CA LYS A 40 -4.42 -6.58 -8.09
C LYS A 40 -3.51 -5.40 -8.45
N PRO A 41 -2.18 -5.64 -8.63
CA PRO A 41 -1.24 -4.55 -8.96
C PRO A 41 -1.72 -3.63 -10.08
N GLY A 42 -1.66 -2.32 -9.83
CA GLY A 42 -2.17 -1.33 -10.77
C GLY A 42 -3.68 -1.24 -10.89
N GLN A 43 -4.41 -1.81 -9.92
CA GLN A 43 -5.85 -1.69 -9.87
C GLN A 43 -6.28 -1.20 -8.48
N SER A 44 -7.58 -0.94 -8.33
CA SER A 44 -8.16 -0.53 -7.06
C SER A 44 -8.29 -1.72 -6.10
N LEU A 45 -8.87 -1.48 -4.93
CA LEU A 45 -9.04 -2.51 -3.91
C LEU A 45 -10.47 -3.00 -3.79
N GLU A 46 -10.61 -4.19 -3.20
CA GLU A 46 -11.91 -4.73 -2.82
C GLU A 46 -11.87 -5.17 -1.36
N TRP A 47 -13.01 -5.07 -0.69
CA TRP A 47 -13.15 -5.58 0.67
C TRP A 47 -13.69 -7.01 0.58
N ILE A 48 -13.00 -7.93 1.25
CA ILE A 48 -13.35 -9.35 1.24
C ILE A 48 -14.30 -9.65 2.39
N ALA A 49 -13.83 -9.38 3.61
CA ALA A 49 -14.52 -9.75 4.83
C ALA A 49 -13.85 -9.10 6.03
N TRP A 50 -14.58 -9.01 7.15
CA TRP A 50 -13.96 -8.77 8.45
C TRP A 50 -14.37 -9.83 9.44
N ILE A 51 -13.55 -9.95 10.49
CA ILE A 51 -13.82 -10.79 11.63
C ILE A 51 -13.50 -9.96 12.86
N TYR A 52 -14.42 -9.89 13.82
CA TYR A 52 -14.15 -9.23 15.11
C TYR A 52 -13.42 -10.23 15.98
N ALA A 53 -12.20 -9.87 16.38
CA ALA A 53 -11.33 -10.79 17.12
C ALA A 53 -11.88 -11.21 18.48
N GLY A 54 -12.58 -10.30 19.15
CA GLY A 54 -13.19 -10.58 20.46
C GLY A 54 -14.23 -11.69 20.45
N THR A 55 -15.08 -11.75 19.44
CA THR A 55 -16.15 -12.75 19.35
C THR A 55 -15.88 -13.89 18.36
N GLY A 56 -15.03 -13.65 17.38
CA GLY A 56 -14.90 -14.54 16.22
C GLY A 56 -16.02 -14.40 15.21
N GLY A 57 -16.92 -13.42 15.38
CA GLY A 57 -18.00 -13.17 14.45
C GLY A 57 -17.50 -12.44 13.21
N SER A 58 -18.16 -12.65 12.08
CA SER A 58 -17.68 -12.18 10.79
C SER A 58 -18.78 -11.66 9.87
N SER A 59 -18.37 -10.78 8.95
CA SER A 59 -19.18 -10.36 7.81
C SER A 59 -18.37 -10.61 6.54
N TYR A 60 -19.02 -11.19 5.54
CA TYR A 60 -18.40 -11.54 4.27
C TYR A 60 -19.04 -10.79 3.12
N ASN A 61 -18.20 -10.19 2.29
CA ASN A 61 -18.61 -9.77 0.95
C ASN A 61 -19.08 -11.03 0.25
N GLN A 62 -20.29 -11.00 -0.29
CA GLN A 62 -20.93 -12.18 -0.89
C GLN A 62 -20.20 -12.69 -2.13
N LYS A 63 -19.55 -11.77 -2.84
CA LYS A 63 -18.63 -12.10 -3.92
C LYS A 63 -17.54 -13.09 -3.51
N PHE A 64 -17.04 -12.97 -2.28
CA PHE A 64 -16.01 -13.87 -1.75
C PHE A 64 -16.56 -14.90 -0.75
N ARG A 65 -17.86 -15.16 -0.79
CA ARG A 65 -18.54 -16.08 0.14
C ARG A 65 -17.87 -17.45 0.16
N ASP A 66 -17.81 -18.07 -1.00
CA ASP A 66 -17.24 -19.41 -1.13
C ASP A 66 -15.70 -19.38 -1.27
N LYS A 67 -15.14 -18.20 -1.58
CA LYS A 67 -13.70 -18.03 -1.77
C LYS A 67 -12.89 -17.99 -0.48
N ALA A 68 -13.22 -17.03 0.40
CA ALA A 68 -12.42 -16.73 1.59
C ALA A 68 -13.08 -17.27 2.86
N GLN A 69 -12.24 -17.67 3.82
CA GLN A 69 -12.69 -18.06 5.15
C GLN A 69 -11.76 -17.46 6.20
N LEU A 70 -12.29 -16.54 6.99
CA LEU A 70 -11.51 -15.85 8.03
C LEU A 70 -11.58 -16.60 9.35
N THR A 71 -10.44 -16.70 10.01
CA THR A 71 -10.38 -17.21 11.39
C THR A 71 -9.39 -16.37 12.16
N VAL A 72 -9.44 -16.53 13.48
CA VAL A 72 -8.62 -15.75 14.39
C VAL A 72 -8.13 -16.67 15.51
N ASP A 73 -6.85 -16.56 15.87
CA ASP A 73 -6.28 -17.23 17.03
C ASP A 73 -5.91 -16.17 18.05
N THR A 74 -6.73 -16.08 19.10
CA THR A 74 -6.54 -15.12 20.19
C THR A 74 -5.21 -15.29 20.92
N SER A 75 -4.82 -16.53 21.16
CA SER A 75 -3.59 -16.86 21.92
C SER A 75 -2.34 -16.26 21.28
N SER A 76 -2.16 -16.53 19.99
CA SER A 76 -1.03 -16.03 19.22
C SER A 76 -1.19 -14.59 18.70
N ARG A 77 -2.37 -14.00 18.90
CA ARG A 77 -2.69 -12.63 18.45
C ARG A 77 -2.59 -12.52 16.93
N THR A 78 -3.04 -13.57 16.24
CA THR A 78 -2.81 -13.76 14.81
C THR A 78 -4.12 -14.04 14.09
N ALA A 79 -4.33 -13.34 12.98
CA ALA A 79 -5.49 -13.53 12.10
C ALA A 79 -5.09 -14.36 10.89
N TYR A 80 -6.06 -15.13 10.36
CA TYR A 80 -5.83 -16.01 9.22
C TYR A 80 -6.92 -15.81 8.18
N MET A 81 -6.54 -15.84 6.90
CA MET A 81 -7.50 -15.97 5.80
C MET A 81 -7.12 -17.18 4.97
N GLN A 82 -8.06 -18.11 4.84
CA GLN A 82 -7.93 -19.24 3.96
C GLN A 82 -8.68 -18.94 2.67
N LEU A 83 -7.94 -18.93 1.55
CA LEU A 83 -8.51 -18.83 0.20
C LEU A 83 -8.43 -20.21 -0.45
N SER A 84 -9.50 -20.61 -1.13
CA SER A 84 -9.60 -21.96 -1.72
C SER A 84 -10.10 -21.94 -3.17
N SER A 85 -9.83 -23.05 -3.88
CA SER A 85 -10.20 -23.23 -5.29
C SER A 85 -9.62 -22.12 -6.17
N LEU A 86 -8.32 -21.87 -6.01
CA LEU A 86 -7.68 -20.70 -6.59
C LEU A 86 -7.58 -20.77 -8.12
N THR A 87 -7.91 -19.65 -8.76
CA THR A 87 -7.78 -19.45 -10.20
C THR A 87 -6.77 -18.32 -10.41
N THR A 88 -6.44 -18.03 -11.66
CA THR A 88 -5.51 -16.94 -11.99
C THR A 88 -6.06 -15.58 -11.58
N GLU A 89 -7.38 -15.43 -11.58
CA GLU A 89 -8.03 -14.18 -11.16
C GLU A 89 -7.91 -13.90 -9.65
N ASP A 90 -7.57 -14.93 -8.86
CA ASP A 90 -7.22 -14.77 -7.44
C ASP A 90 -5.77 -14.36 -7.20
N SER A 91 -4.97 -14.17 -8.26
CA SER A 91 -3.63 -13.61 -8.13
C SER A 91 -3.73 -12.13 -7.80
N ALA A 92 -3.22 -11.73 -6.64
CA ALA A 92 -3.31 -10.35 -6.16
C ALA A 92 -2.48 -10.14 -4.89
N ILE A 93 -2.34 -8.87 -4.48
CA ILE A 93 -1.86 -8.51 -3.13
C ILE A 93 -3.04 -8.56 -2.16
N TYR A 94 -2.83 -9.22 -1.03
CA TYR A 94 -3.85 -9.38 0.01
C TYR A 94 -3.38 -8.71 1.29
N TYR A 95 -4.14 -7.73 1.78
CA TYR A 95 -3.80 -6.97 2.98
C TYR A 95 -4.68 -7.37 4.15
N CYS A 96 -4.10 -7.37 5.35
CA CYS A 96 -4.87 -7.35 6.59
C CYS A 96 -4.81 -5.93 7.15
N ALA A 97 -5.96 -5.46 7.64
CA ALA A 97 -6.08 -4.13 8.21
C ALA A 97 -7.01 -4.19 9.41
N ARG A 98 -6.75 -3.33 10.40
CA ARG A 98 -7.52 -3.36 11.65
C ARG A 98 -8.32 -2.08 11.89
N HIS A 99 -9.50 -2.27 12.48
CA HIS A 99 -10.35 -1.20 12.97
C HIS A 99 -10.13 -1.14 14.48
N ASP A 100 -9.40 -0.11 14.91
CA ASP A 100 -9.16 0.18 16.32
C ASP A 100 -10.46 0.74 16.93
N TYR A 101 -11.35 -0.19 17.30
CA TYR A 101 -12.73 0.11 17.72
C TYR A 101 -12.83 1.03 18.95
N TYR A 102 -11.86 0.91 19.86
CA TYR A 102 -11.80 1.75 21.06
C TYR A 102 -10.93 3.00 20.90
N GLY A 103 -9.87 2.91 20.09
CA GLY A 103 -8.94 4.03 19.90
C GLY A 103 -9.41 5.08 18.90
N THR A 104 -9.91 4.60 17.75
CA THR A 104 -10.51 5.47 16.73
C THR A 104 -11.74 4.77 16.16
N SER A 105 -12.87 4.93 16.85
CA SER A 105 -14.10 4.20 16.51
C SER A 105 -14.68 4.71 15.19
N GLY A 106 -15.29 3.80 14.43
CA GLY A 106 -15.72 4.04 13.05
C GLY A 106 -14.69 4.32 11.98
N ALA A 107 -13.44 3.91 12.20
CA ALA A 107 -12.38 3.99 11.19
C ALA A 107 -11.92 2.56 10.88
N TRP A 108 -12.34 2.03 9.72
CA TRP A 108 -12.26 0.60 9.43
C TRP A 108 -10.86 0.02 9.17
N PHE A 109 -10.03 0.74 8.42
CA PHE A 109 -8.69 0.26 8.05
C PHE A 109 -7.63 1.25 8.55
N ALA A 110 -7.59 1.43 9.86
CA ALA A 110 -6.73 2.43 10.50
C ALA A 110 -5.24 2.05 10.47
N TYR A 111 -4.95 0.76 10.57
CA TYR A 111 -3.57 0.24 10.48
C TYR A 111 -3.53 -1.00 9.60
N TRP A 112 -2.48 -1.12 8.81
CA TRP A 112 -2.38 -2.12 7.74
C TRP A 112 -1.13 -2.99 7.93
N GLY A 113 -1.22 -4.22 7.42
CA GLY A 113 -0.03 -5.04 7.18
C GLY A 113 0.65 -4.63 5.87
N ARG A 114 1.81 -5.20 5.60
CA ARG A 114 2.60 -4.86 4.40
C ARG A 114 2.08 -5.52 3.10
N GLY A 115 1.19 -6.50 3.22
CA GLY A 115 0.59 -7.20 2.07
C GLY A 115 1.31 -8.50 1.71
N THR A 116 0.55 -9.52 1.33
CA THR A 116 1.09 -10.80 0.83
C THR A 116 0.69 -10.96 -0.63
N LEU A 117 1.68 -10.96 -1.51
CA LEU A 117 1.46 -11.19 -2.94
C LEU A 117 1.22 -12.67 -3.22
N VAL A 118 0.02 -12.99 -3.71
CA VAL A 118 -0.34 -14.37 -4.08
C VAL A 118 -0.34 -14.49 -5.60
N THR A 119 0.47 -15.41 -6.11
CA THR A 119 0.52 -15.71 -7.54
C THR A 119 -0.05 -17.10 -7.76
N VAL A 120 -1.17 -17.17 -8.50
CA VAL A 120 -1.80 -18.44 -8.85
C VAL A 120 -1.35 -18.88 -10.24
N SER A 121 -0.50 -19.90 -10.29
CA SER A 121 0.10 -20.39 -11.53
C SER A 121 0.64 -21.83 -11.37
N ALA A 122 0.60 -22.60 -12.47
CA ALA A 122 1.15 -23.96 -12.50
C ALA A 122 2.66 -24.01 -12.68
N ALA A 123 3.27 -22.89 -13.08
CA ALA A 123 4.72 -22.80 -13.33
C ALA A 123 5.55 -22.93 -12.05
N SER A 124 6.73 -23.52 -12.19
CA SER A 124 7.64 -23.74 -11.07
C SER A 124 8.31 -22.46 -10.62
N THR A 125 8.68 -22.40 -9.35
CA THR A 125 9.56 -21.35 -8.84
C THR A 125 10.92 -21.39 -9.55
N LYS A 126 11.53 -20.20 -9.71
CA LYS A 126 12.86 -20.09 -10.31
C LYS A 126 13.58 -18.84 -9.83
N GLY A 127 14.81 -19.04 -9.35
CA GLY A 127 15.65 -17.93 -8.86
C GLY A 127 16.24 -17.14 -10.01
N PRO A 128 16.50 -15.83 -9.78
CA PRO A 128 16.98 -14.95 -10.84
C PRO A 128 18.48 -15.12 -11.14
N SER A 129 18.86 -14.88 -12.40
CA SER A 129 20.25 -14.66 -12.76
C SER A 129 20.51 -13.16 -12.68
N VAL A 130 21.67 -12.79 -12.14
CA VAL A 130 22.00 -11.39 -11.84
C VAL A 130 23.26 -10.95 -12.59
N PHE A 131 23.09 -10.03 -13.54
CA PHE A 131 24.22 -9.55 -14.36
C PHE A 131 24.54 -8.09 -14.03
N PRO A 132 25.84 -7.72 -14.11
CA PRO A 132 26.21 -6.32 -13.87
C PRO A 132 25.83 -5.40 -15.03
N LEU A 133 25.42 -4.17 -14.70
CA LEU A 133 25.28 -3.08 -15.66
C LEU A 133 26.45 -2.15 -15.34
N ALA A 134 27.57 -2.34 -16.06
CA ALA A 134 28.85 -1.74 -15.67
C ALA A 134 28.90 -0.23 -15.91
N PRO A 135 29.55 0.54 -15.01
CA PRO A 135 29.79 1.95 -15.30
C PRO A 135 30.90 2.13 -16.35
N SER A 136 30.82 3.21 -17.12
CA SER A 136 31.79 3.50 -18.18
C SER A 136 31.66 4.96 -18.60
N SER A 137 32.43 5.39 -19.60
CA SER A 137 32.23 6.69 -20.25
C SER A 137 30.82 6.79 -20.87
N LYS A 138 30.29 5.67 -21.35
CA LYS A 138 28.94 5.60 -21.97
C LYS A 138 27.81 5.73 -20.94
N SER A 139 28.10 5.41 -19.68
CA SER A 139 27.18 5.67 -18.57
C SER A 139 27.78 6.68 -17.58
N THR A 140 28.21 7.83 -18.10
CA THR A 140 28.72 8.95 -17.28
C THR A 140 28.21 10.28 -17.84
N SER A 141 27.48 11.02 -17.01
CA SER A 141 26.95 12.34 -17.34
C SER A 141 27.48 13.35 -16.31
N GLY A 142 28.33 14.28 -16.76
CA GLY A 142 28.95 15.27 -15.89
C GLY A 142 29.98 14.63 -14.98
N GLY A 143 29.81 14.85 -13.68
CA GLY A 143 30.66 14.23 -12.66
C GLY A 143 30.11 12.94 -12.07
N THR A 144 28.93 12.52 -12.49
CA THR A 144 28.27 11.33 -11.94
C THR A 144 28.20 10.19 -12.95
N ALA A 145 28.31 8.96 -12.43
CA ALA A 145 28.18 7.75 -13.22
C ALA A 145 26.98 6.94 -12.73
N ALA A 146 26.35 6.19 -13.64
CA ALA A 146 25.30 5.24 -13.29
C ALA A 146 25.84 3.82 -13.43
N LEU A 147 25.46 2.96 -12.49
CA LEU A 147 25.79 1.53 -12.53
C LEU A 147 24.60 0.78 -11.96
N GLY A 148 24.59 -0.54 -12.12
CA GLY A 148 23.42 -1.30 -11.70
C GLY A 148 23.49 -2.81 -11.83
N CYS A 149 22.33 -3.43 -11.70
CA CYS A 149 22.19 -4.87 -11.82
C CYS A 149 20.93 -5.23 -12.61
N LEU A 150 21.09 -6.14 -13.57
CA LEU A 150 19.98 -6.72 -14.30
C LEU A 150 19.60 -8.04 -13.63
N VAL A 151 18.44 -8.08 -12.99
CA VAL A 151 17.92 -9.26 -12.33
C VAL A 151 16.93 -9.93 -13.29
N LYS A 152 17.34 -11.06 -13.86
CA LYS A 152 16.65 -11.65 -15.01
C LYS A 152 16.15 -13.07 -14.76
N ASP A 153 15.01 -13.40 -15.37
CA ASP A 153 14.48 -14.77 -15.48
C ASP A 153 14.15 -15.44 -14.14
N TYR A 154 13.19 -14.85 -13.41
CA TYR A 154 12.72 -15.43 -12.15
C TYR A 154 11.19 -15.56 -12.12
N PHE A 155 10.70 -16.41 -11.21
CA PHE A 155 9.26 -16.57 -11.00
C PHE A 155 8.99 -17.11 -9.60
N PRO A 156 7.95 -16.64 -8.90
CA PRO A 156 7.09 -15.51 -9.28
C PRO A 156 7.66 -14.19 -8.77
N GLU A 157 6.88 -13.12 -8.75
CA GLU A 157 7.23 -11.94 -7.96
C GLU A 157 7.06 -12.29 -6.47
N PRO A 158 7.75 -11.60 -5.54
CA PRO A 158 8.62 -10.47 -5.80
C PRO A 158 10.10 -10.81 -5.60
N VAL A 159 10.93 -9.83 -5.93
CA VAL A 159 12.36 -9.85 -5.62
C VAL A 159 12.70 -8.53 -4.93
N THR A 160 13.66 -8.57 -4.01
CA THR A 160 14.10 -7.34 -3.34
C THR A 160 15.57 -7.13 -3.58
N VAL A 161 15.94 -5.87 -3.84
CA VAL A 161 17.32 -5.49 -4.15
C VAL A 161 17.76 -4.42 -3.18
N SER A 162 18.93 -4.61 -2.58
CA SER A 162 19.61 -3.60 -1.81
C SER A 162 20.98 -3.39 -2.41
N TRP A 163 21.70 -2.37 -1.93
CA TRP A 163 23.04 -2.06 -2.41
C TRP A 163 23.97 -1.91 -1.21
N ASN A 164 25.12 -2.59 -1.28
CA ASN A 164 26.10 -2.70 -0.18
C ASN A 164 25.45 -3.05 1.17
N SER A 165 24.62 -4.10 1.12
CA SER A 165 23.90 -4.63 2.27
C SER A 165 23.03 -3.59 3.00
N GLY A 166 22.44 -2.67 2.23
CA GLY A 166 21.63 -1.58 2.78
C GLY A 166 22.37 -0.29 3.13
N ALA A 167 23.71 -0.32 3.08
CA ALA A 167 24.52 0.87 3.33
C ALA A 167 24.37 1.95 2.24
N LEU A 168 24.08 1.52 1.00
CA LEU A 168 23.80 2.44 -0.11
C LEU A 168 22.30 2.40 -0.45
N THR A 169 21.62 3.50 -0.15
CA THR A 169 20.24 3.76 -0.60
C THR A 169 20.13 5.04 -1.44
N SER A 170 21.08 5.95 -1.28
CA SER A 170 21.02 7.26 -1.92
C SER A 170 21.33 7.13 -3.41
N GLY A 171 20.43 7.65 -4.24
CA GLY A 171 20.55 7.60 -5.70
C GLY A 171 19.98 6.35 -6.36
N VAL A 172 19.37 5.47 -5.57
CA VAL A 172 18.94 4.15 -6.06
C VAL A 172 17.55 4.20 -6.67
N HIS A 173 17.36 3.49 -7.78
CA HIS A 173 16.04 3.25 -8.37
C HIS A 173 15.98 1.80 -8.78
N THR A 174 15.00 1.07 -8.25
CA THR A 174 14.74 -0.31 -8.64
C THR A 174 13.40 -0.33 -9.38
N PHE A 175 13.45 -0.73 -10.64
CA PHE A 175 12.32 -0.58 -11.56
C PHE A 175 11.27 -1.67 -11.36
N PRO A 176 10.00 -1.36 -11.67
CA PRO A 176 8.97 -2.39 -11.75
C PRO A 176 9.40 -3.50 -12.70
N ALA A 177 9.17 -4.75 -12.28
CA ALA A 177 9.55 -5.90 -13.10
C ALA A 177 8.61 -6.00 -14.30
N VAL A 178 9.13 -6.45 -15.42
CA VAL A 178 8.30 -6.72 -16.60
C VAL A 178 8.22 -8.22 -16.83
N LEU A 179 6.99 -8.68 -17.09
CA LEU A 179 6.75 -10.04 -17.49
C LEU A 179 7.22 -10.19 -18.94
N GLN A 180 8.26 -11.00 -19.14
CA GLN A 180 8.75 -11.34 -20.48
C GLN A 180 7.80 -12.35 -21.14
N SER A 181 7.92 -12.49 -22.46
CA SER A 181 7.09 -13.46 -23.21
C SER A 181 7.39 -14.91 -22.80
N SER A 182 8.60 -15.15 -22.28
CA SER A 182 8.98 -16.44 -21.68
C SER A 182 8.08 -16.91 -20.53
N GLY A 183 7.46 -15.97 -19.81
CA GLY A 183 6.69 -16.26 -18.58
C GLY A 183 7.47 -16.01 -17.29
N LEU A 184 8.68 -15.46 -17.42
CA LEU A 184 9.55 -15.15 -16.30
C LEU A 184 9.73 -13.64 -16.20
N TYR A 185 9.95 -13.14 -14.98
CA TYR A 185 10.12 -11.71 -14.76
C TYR A 185 11.58 -11.30 -14.95
N SER A 186 11.74 -9.99 -15.14
CA SER A 186 13.04 -9.36 -15.24
C SER A 186 12.94 -7.90 -14.78
N LEU A 187 13.94 -7.44 -14.06
CA LEU A 187 14.03 -6.04 -13.64
C LEU A 187 15.46 -5.56 -13.57
N SER A 188 15.60 -4.24 -13.56
CA SER A 188 16.88 -3.57 -13.41
C SER A 188 16.84 -2.74 -12.13
N SER A 189 17.98 -2.67 -11.45
CA SER A 189 18.17 -1.80 -10.30
C SER A 189 19.45 -1.01 -10.55
N VAL A 190 19.33 0.32 -10.52
CA VAL A 190 20.47 1.21 -10.80
C VAL A 190 20.73 2.18 -9.64
N VAL A 191 21.91 2.79 -9.67
CA VAL A 191 22.32 3.80 -8.67
C VAL A 191 23.31 4.77 -9.30
N THR A 192 23.10 6.06 -9.05
CA THR A 192 23.98 7.12 -9.53
C THR A 192 24.98 7.45 -8.43
N VAL A 193 26.26 7.55 -8.80
CA VAL A 193 27.35 7.77 -7.85
C VAL A 193 28.36 8.76 -8.44
N PRO A 194 29.25 9.33 -7.62
CA PRO A 194 30.30 10.18 -8.18
C PRO A 194 31.25 9.39 -9.07
N SER A 195 31.62 9.97 -10.21
CA SER A 195 32.56 9.33 -11.14
C SER A 195 33.90 9.01 -10.48
N SER A 196 34.38 9.92 -9.63
CA SER A 196 35.63 9.72 -8.88
C SER A 196 35.58 8.59 -7.83
N SER A 197 34.39 8.16 -7.44
CA SER A 197 34.24 7.02 -6.52
C SER A 197 34.48 5.64 -7.17
N LEU A 198 34.41 5.57 -8.50
CA LEU A 198 34.50 4.29 -9.22
C LEU A 198 35.84 3.55 -9.05
N GLY A 199 36.89 4.29 -8.74
CA GLY A 199 38.19 3.71 -8.47
C GLY A 199 38.26 2.89 -7.19
N THR A 200 37.88 3.49 -6.06
CA THR A 200 38.10 2.88 -4.74
C THR A 200 36.86 2.19 -4.16
N GLN A 201 35.72 2.88 -4.17
CA GLN A 201 34.48 2.37 -3.58
C GLN A 201 33.94 1.18 -4.37
N THR A 202 33.81 0.03 -3.73
CA THR A 202 33.18 -1.14 -4.36
C THR A 202 31.66 -1.03 -4.24
N TYR A 203 30.96 -1.50 -5.27
CA TYR A 203 29.50 -1.49 -5.30
C TYR A 203 29.01 -2.91 -5.54
N ILE A 204 28.10 -3.38 -4.67
CA ILE A 204 27.54 -4.73 -4.76
C ILE A 204 26.02 -4.67 -4.61
N CYS A 205 25.28 -5.20 -5.59
CA CYS A 205 23.84 -5.37 -5.44
C CYS A 205 23.57 -6.70 -4.73
N ASN A 206 22.61 -6.69 -3.81
CA ASN A 206 22.21 -7.88 -3.06
C ASN A 206 20.78 -8.21 -3.47
N VAL A 207 20.60 -9.35 -4.15
CA VAL A 207 19.30 -9.78 -4.63
C VAL A 207 18.79 -10.90 -3.72
N ASN A 208 17.54 -10.81 -3.32
CA ASN A 208 16.91 -11.82 -2.47
C ASN A 208 15.58 -12.20 -3.11
N HIS A 209 15.41 -13.50 -3.37
CA HIS A 209 14.19 -14.05 -3.97
C HIS A 209 13.66 -15.16 -3.06
N LYS A 210 12.76 -14.78 -2.16
CA LYS A 210 12.24 -15.69 -1.12
C LYS A 210 11.46 -16.88 -1.65
N PRO A 211 10.68 -16.72 -2.74
CA PRO A 211 9.95 -17.87 -3.27
C PRO A 211 10.81 -19.05 -3.75
N SER A 212 12.06 -18.80 -4.13
CA SER A 212 13.00 -19.86 -4.52
C SER A 212 14.12 -20.10 -3.50
N ASN A 213 14.10 -19.38 -2.38
CA ASN A 213 15.11 -19.50 -1.31
C ASN A 213 16.51 -19.15 -1.82
N THR A 214 16.60 -18.07 -2.61
CA THR A 214 17.82 -17.66 -3.31
C THR A 214 18.31 -16.29 -2.85
N LYS A 215 19.62 -16.20 -2.59
CA LYS A 215 20.33 -14.92 -2.41
C LYS A 215 21.52 -14.87 -3.34
N VAL A 216 21.60 -13.80 -4.15
CA VAL A 216 22.72 -13.57 -5.06
C VAL A 216 23.31 -12.18 -4.79
N ASP A 217 24.62 -12.13 -4.61
CA ASP A 217 25.37 -10.88 -4.49
C ASP A 217 26.28 -10.72 -5.70
N LYS A 218 26.11 -9.64 -6.45
CA LYS A 218 26.94 -9.37 -7.65
C LYS A 218 27.73 -8.07 -7.50
N LYS A 219 29.06 -8.17 -7.51
CA LYS A 219 29.93 -6.99 -7.54
C LYS A 219 29.89 -6.38 -8.94
N VAL A 220 29.87 -5.04 -9.01
CA VAL A 220 29.68 -4.31 -10.27
C VAL A 220 30.85 -3.36 -10.48
N GLU A 221 31.80 -3.78 -11.33
CA GLU A 221 33.01 -3.00 -11.61
C GLU A 221 32.91 -2.28 -12.96
N PRO A 222 33.68 -1.18 -13.14
CA PRO A 222 33.68 -0.49 -14.45
C PRO A 222 34.33 -1.31 -15.58
N LYS A 223 33.83 -1.12 -16.80
CA LYS A 223 34.26 -1.88 -17.98
C LYS A 223 35.17 -1.01 -18.84
N THR B 1 -35.22 -10.47 20.95
CA THR B 1 -34.59 -9.40 21.78
C THR B 1 -33.55 -9.98 22.73
N VAL B 2 -32.38 -9.33 22.81
CA VAL B 2 -31.27 -9.77 23.66
C VAL B 2 -30.73 -8.57 24.44
N PRO B 3 -30.68 -8.68 25.78
CA PRO B 3 -30.17 -7.56 26.58
C PRO B 3 -28.63 -7.53 26.57
N PRO B 4 -28.04 -6.33 26.69
CA PRO B 4 -26.57 -6.22 26.64
C PRO B 4 -25.86 -6.66 27.91
N MET B 5 -24.61 -7.09 27.77
N MET B 5 -24.60 -7.08 27.76
CA MET B 5 -23.72 -7.34 28.91
CA MET B 5 -23.70 -7.33 28.88
C MET B 5 -22.88 -6.09 29.15
C MET B 5 -22.89 -6.06 29.12
N VAL B 6 -23.21 -5.35 30.21
CA VAL B 6 -22.51 -4.11 30.55
C VAL B 6 -21.27 -4.42 31.41
N ASN B 7 -20.17 -3.73 31.10
CA ASN B 7 -18.88 -4.00 31.71
C ASN B 7 -18.07 -2.69 31.75
N VAL B 8 -17.71 -2.21 32.94
CA VAL B 8 -16.93 -0.98 33.10
C VAL B 8 -15.45 -1.30 33.35
N THR B 9 -14.55 -0.61 32.65
CA THR B 9 -13.09 -0.81 32.78
C THR B 9 -12.36 0.50 33.03
N ARG B 10 -11.25 0.41 33.76
CA ARG B 10 -10.45 1.56 34.15
C ARG B 10 -9.14 1.53 33.39
N SER B 11 -8.77 2.65 32.77
CA SER B 11 -7.57 2.73 31.95
C SER B 11 -6.90 4.11 32.04
N GLU B 12 -5.72 4.21 31.43
CA GLU B 12 -5.01 5.48 31.28
C GLU B 12 -4.79 6.18 32.63
N ALA B 13 -4.30 5.43 33.61
CA ALA B 13 -4.11 5.93 34.97
C ALA B 13 -2.87 6.83 35.10
N SER B 14 -3.08 8.13 35.34
CA SER B 14 -1.98 9.04 35.70
C SER B 14 -2.48 10.32 36.36
N GLU B 15 -1.61 10.93 37.19
CA GLU B 15 -1.88 12.18 37.91
C GLU B 15 -3.20 12.13 38.71
N GLY B 16 -3.40 11.01 39.42
CA GLY B 16 -4.61 10.80 40.23
C GLY B 16 -5.93 10.66 39.47
N ASN B 17 -5.87 10.60 38.13
CA ASN B 17 -7.05 10.52 37.27
C ASN B 17 -7.08 9.16 36.57
N ILE B 18 -8.26 8.75 36.12
CA ILE B 18 -8.45 7.53 35.33
C ILE B 18 -9.49 7.74 34.25
N THR B 19 -9.39 6.96 33.18
CA THR B 19 -10.40 6.93 32.13
C THR B 19 -11.27 5.73 32.43
N VAL B 20 -12.59 5.93 32.38
CA VAL B 20 -13.54 4.88 32.68
C VAL B 20 -14.38 4.63 31.44
N THR B 21 -14.39 3.39 30.97
CA THR B 21 -15.11 3.03 29.76
C THR B 21 -16.22 2.06 30.13
N CYS B 22 -17.43 2.40 29.70
CA CYS B 22 -18.58 1.54 29.89
C CYS B 22 -18.87 0.84 28.55
N ARG B 23 -18.57 -0.45 28.48
CA ARG B 23 -18.85 -1.25 27.28
C ARG B 23 -20.22 -1.89 27.39
N ALA B 24 -20.99 -1.87 26.30
CA ALA B 24 -22.25 -2.61 26.18
C ALA B 24 -22.17 -3.47 24.93
N SER B 25 -22.35 -4.78 25.10
CA SER B 25 -22.11 -5.75 24.03
C SER B 25 -23.17 -6.84 23.96
N SER B 26 -23.19 -7.55 22.83
CA SER B 26 -24.04 -8.73 22.61
C SER B 26 -25.54 -8.43 22.72
N PHE B 27 -25.96 -7.28 22.19
CA PHE B 27 -27.38 -6.89 22.27
C PHE B 27 -28.09 -6.81 20.92
N TYR B 28 -29.42 -6.86 20.99
CA TYR B 28 -30.29 -6.77 19.83
C TYR B 28 -31.66 -6.33 20.36
N PRO B 29 -32.38 -5.42 19.69
CA PRO B 29 -31.98 -4.76 18.43
C PRO B 29 -30.90 -3.68 18.61
N ARG B 30 -30.61 -2.94 17.54
CA ARG B 30 -29.55 -1.93 17.49
C ARG B 30 -29.73 -0.72 18.44
N ASN B 31 -30.98 -0.35 18.74
CA ASN B 31 -31.26 0.92 19.44
C ASN B 31 -30.89 0.83 20.93
N ILE B 32 -30.10 1.79 21.40
CA ILE B 32 -29.60 1.78 22.78
C ILE B 32 -29.24 3.19 23.27
N ILE B 33 -29.41 3.42 24.56
CA ILE B 33 -28.91 4.63 25.23
C ILE B 33 -27.79 4.18 26.15
N LEU B 34 -26.66 4.89 26.10
CA LEU B 34 -25.57 4.64 27.02
C LEU B 34 -24.91 5.97 27.36
N THR B 35 -24.83 6.30 28.65
CA THR B 35 -24.20 7.54 29.08
C THR B 35 -23.69 7.47 30.52
N TRP B 36 -22.51 8.03 30.73
CA TRP B 36 -22.02 8.37 32.06
C TRP B 36 -22.88 9.44 32.71
N ARG B 37 -23.03 9.32 34.02
CA ARG B 37 -23.80 10.26 34.83
C ARG B 37 -22.99 10.58 36.07
N GLN B 38 -23.02 11.86 36.48
CA GLN B 38 -22.45 12.28 37.75
C GLN B 38 -23.62 12.68 38.65
N ASP B 39 -23.77 12.00 39.78
CA ASP B 39 -24.89 12.23 40.70
C ASP B 39 -26.26 12.08 40.01
N GLY B 40 -26.37 11.05 39.15
CA GLY B 40 -27.58 10.79 38.38
C GLY B 40 -27.88 11.73 37.23
N VAL B 41 -26.95 12.64 36.92
CA VAL B 41 -27.14 13.68 35.91
C VAL B 41 -26.22 13.36 34.74
N SER B 42 -26.79 13.25 33.55
CA SER B 42 -26.05 12.85 32.34
C SER B 42 -24.97 13.86 32.01
N LEU B 43 -23.75 13.37 31.74
CA LEU B 43 -22.64 14.23 31.32
C LEU B 43 -22.90 14.87 29.96
N SER B 44 -22.26 16.02 29.76
CA SER B 44 -22.20 16.71 28.47
C SER B 44 -21.67 15.79 27.35
N HIS B 45 -22.10 16.07 26.13
CA HIS B 45 -21.57 15.35 24.96
C HIS B 45 -20.06 15.62 24.76
N ASP B 46 -19.63 16.85 25.04
CA ASP B 46 -18.23 17.26 24.90
C ASP B 46 -17.29 16.79 26.03
N THR B 47 -17.82 16.10 27.05
CA THR B 47 -16.99 15.52 28.10
C THR B 47 -16.94 13.99 28.00
N GLN B 48 -17.51 13.41 26.94
CA GLN B 48 -17.49 11.96 26.72
C GLN B 48 -17.12 11.64 25.27
N GLN B 49 -16.53 10.45 25.07
CA GLN B 49 -16.23 9.90 23.75
C GLN B 49 -17.06 8.62 23.54
N TRP B 50 -17.70 8.50 22.37
CA TRP B 50 -18.59 7.36 22.08
C TRP B 50 -18.00 6.39 21.05
N GLY B 51 -18.18 5.10 21.30
CA GLY B 51 -17.98 4.07 20.28
C GLY B 51 -19.22 3.98 19.42
N ASP B 52 -19.02 3.70 18.14
CA ASP B 52 -20.12 3.56 17.20
C ASP B 52 -20.91 2.29 17.51
N VAL B 53 -22.22 2.34 17.27
CA VAL B 53 -23.10 1.19 17.50
C VAL B 53 -22.98 0.26 16.28
N LEU B 54 -22.09 -0.74 16.39
CA LEU B 54 -21.73 -1.63 15.27
C LEU B 54 -21.97 -3.11 15.59
N PRO B 55 -22.15 -3.95 14.54
CA PRO B 55 -22.38 -5.39 14.74
C PRO B 55 -21.19 -6.21 15.29
N ASP B 56 -21.54 -7.28 16.02
CA ASP B 56 -20.60 -8.25 16.56
C ASP B 56 -20.02 -9.14 15.48
N GLY B 57 -20.87 -9.50 14.51
CA GLY B 57 -20.63 -10.62 13.62
C GLY B 57 -21.34 -11.90 14.05
N ASN B 58 -22.16 -11.82 15.11
CA ASN B 58 -23.01 -12.91 15.57
C ASN B 58 -24.50 -12.52 15.57
N GLY B 59 -24.85 -11.43 14.87
CA GLY B 59 -26.24 -10.97 14.77
C GLY B 59 -26.65 -9.93 15.80
N THR B 60 -25.75 -9.68 16.76
CA THR B 60 -25.98 -8.75 17.85
C THR B 60 -25.01 -7.58 17.67
N TYR B 61 -25.14 -6.57 18.54
CA TYR B 61 -24.41 -5.29 18.40
C TYR B 61 -23.64 -4.92 19.66
N GLN B 62 -22.77 -3.94 19.52
CA GLN B 62 -21.95 -3.45 20.63
C GLN B 62 -21.71 -1.95 20.50
N THR B 63 -21.57 -1.28 21.65
CA THR B 63 -21.17 0.12 21.71
C THR B 63 -20.39 0.40 22.99
N TRP B 64 -19.90 1.63 23.16
CA TRP B 64 -19.24 2.03 24.39
C TRP B 64 -19.28 3.55 24.62
N VAL B 65 -18.95 3.95 25.83
CA VAL B 65 -18.86 5.38 26.19
C VAL B 65 -17.86 5.56 27.34
N ALA B 66 -16.97 6.56 27.21
CA ALA B 66 -15.87 6.77 28.15
C ALA B 66 -15.71 8.23 28.53
N THR B 67 -15.10 8.45 29.70
CA THR B 67 -14.93 9.80 30.29
C THR B 67 -13.78 9.78 31.32
N ARG B 68 -13.18 10.95 31.59
CA ARG B 68 -12.08 11.08 32.58
C ARG B 68 -12.63 11.50 33.93
N ILE B 69 -12.21 10.81 34.98
CA ILE B 69 -12.59 11.19 36.35
C ILE B 69 -11.37 11.19 37.25
N SER B 70 -11.54 11.71 38.47
CA SER B 70 -10.50 11.70 39.50
C SER B 70 -10.65 10.50 40.43
N ARG B 71 -9.52 9.95 40.86
CA ARG B 71 -9.49 8.88 41.86
C ARG B 71 -9.98 9.48 43.17
N GLY B 72 -10.87 8.76 43.86
CA GLY B 72 -11.62 9.29 44.99
C GLY B 72 -13.06 9.69 44.67
N GLU B 73 -13.40 9.85 43.39
CA GLU B 73 -14.75 10.24 42.97
C GLU B 73 -15.54 9.13 42.25
N GLU B 74 -15.09 7.88 42.37
CA GLU B 74 -15.68 6.77 41.62
C GLU B 74 -17.16 6.56 41.95
N GLN B 75 -17.48 6.57 43.25
CA GLN B 75 -18.86 6.41 43.74
C GLN B 75 -19.82 7.47 43.19
N ARG B 76 -19.26 8.61 42.82
CA ARG B 76 -20.02 9.72 42.24
C ARG B 76 -20.52 9.50 40.78
N PHE B 77 -19.91 8.55 40.07
CA PHE B 77 -20.21 8.31 38.65
C PHE B 77 -20.87 6.96 38.38
N THR B 78 -21.80 6.94 37.42
CA THR B 78 -22.50 5.72 37.01
C THR B 78 -22.74 5.72 35.50
N CYS B 79 -22.75 4.52 34.91
CA CYS B 79 -23.09 4.35 33.50
C CYS B 79 -24.55 3.92 33.40
N TYR B 80 -25.38 4.78 32.80
CA TYR B 80 -26.78 4.46 32.57
C TYR B 80 -26.96 3.83 31.19
N MET B 81 -27.57 2.65 31.16
CA MET B 81 -27.86 1.93 29.93
C MET B 81 -29.37 1.72 29.84
N GLU B 82 -29.96 2.08 28.70
CA GLU B 82 -31.37 1.79 28.42
C GLU B 82 -31.47 1.11 27.07
N HIS B 83 -32.34 0.10 26.98
CA HIS B 83 -32.44 -0.76 25.81
C HIS B 83 -33.77 -1.51 25.80
N SER B 84 -34.58 -1.26 24.77
CA SER B 84 -35.89 -1.91 24.55
C SER B 84 -36.75 -2.08 25.81
N GLY B 85 -37.11 -0.94 26.41
CA GLY B 85 -37.95 -0.91 27.61
C GLY B 85 -37.16 -0.91 28.91
N ASN B 86 -36.29 -1.91 29.06
CA ASN B 86 -35.51 -2.10 30.29
C ASN B 86 -34.37 -1.09 30.37
N HIS B 87 -33.98 -0.74 31.60
CA HIS B 87 -32.81 0.11 31.84
C HIS B 87 -32.06 -0.29 33.11
N SER B 88 -30.82 0.14 33.22
CA SER B 88 -29.97 -0.16 34.38
C SER B 88 -28.87 0.87 34.57
N THR B 89 -28.31 0.87 35.77
CA THR B 89 -27.25 1.81 36.15
C THR B 89 -26.07 0.99 36.70
N HIS B 90 -24.86 1.31 36.27
CA HIS B 90 -23.69 0.47 36.58
C HIS B 90 -22.57 1.26 37.23
N PRO B 91 -22.06 0.77 38.37
CA PRO B 91 -21.03 1.49 39.10
C PRO B 91 -19.64 1.39 38.48
N VAL B 92 -18.76 2.28 38.91
CA VAL B 92 -17.34 2.25 38.56
C VAL B 92 -16.62 1.37 39.59
N PRO B 93 -15.90 0.32 39.13
CA PRO B 93 -15.01 -0.41 40.06
C PRO B 93 -13.89 0.46 40.61
N SER B 94 -13.46 0.17 41.84
CA SER B 94 -12.38 0.93 42.50
C SER B 94 -11.27 -0.03 42.93
N ASP C 1 -25.28 -2.77 -5.50
CA ASP C 1 -24.08 -2.28 -4.77
C ASP C 1 -23.91 -0.78 -4.90
N VAL C 2 -23.18 -0.20 -3.97
CA VAL C 2 -22.83 1.22 -4.02
C VAL C 2 -21.62 1.38 -4.93
N LEU C 3 -21.82 2.03 -6.08
CA LEU C 3 -20.73 2.34 -6.98
C LEU C 3 -20.11 3.67 -6.58
N MET C 4 -18.77 3.74 -6.66
CA MET C 4 -17.99 4.87 -6.16
C MET C 4 -17.10 5.43 -7.28
N THR C 5 -17.46 6.58 -7.83
CA THR C 5 -16.74 7.21 -8.94
C THR C 5 -15.94 8.42 -8.48
N GLN C 6 -14.64 8.44 -8.77
CA GLN C 6 -13.75 9.55 -8.42
C GLN C 6 -13.42 10.47 -9.61
N THR C 7 -13.19 11.74 -9.29
CA THR C 7 -12.79 12.75 -10.27
C THR C 7 -11.72 13.66 -9.65
N PRO C 8 -10.57 13.87 -10.30
CA PRO C 8 -10.16 13.23 -11.55
C PRO C 8 -9.48 11.88 -11.27
N LEU C 9 -9.08 11.19 -12.34
CA LEU C 9 -8.34 9.94 -12.21
C LEU C 9 -6.85 10.24 -12.04
N SER C 10 -6.37 11.28 -12.72
CA SER C 10 -5.04 11.84 -12.47
C SER C 10 -5.15 13.33 -12.17
N LEU C 11 -4.29 13.78 -11.25
CA LEU C 11 -4.39 15.10 -10.65
C LEU C 11 -2.99 15.72 -10.58
N PRO C 12 -2.56 16.41 -11.64
CA PRO C 12 -1.33 17.21 -11.55
C PRO C 12 -1.56 18.48 -10.73
N VAL C 13 -0.69 18.72 -9.75
CA VAL C 13 -0.76 19.93 -8.91
C VAL C 13 0.63 20.43 -8.56
N SER C 14 0.79 21.74 -8.57
CA SER C 14 2.06 22.37 -8.26
C SER C 14 2.27 22.37 -6.74
N LEU C 15 3.53 22.33 -6.31
CA LEU C 15 3.87 22.40 -4.88
C LEU C 15 3.28 23.65 -4.25
N GLY C 16 2.63 23.49 -3.10
CA GLY C 16 1.98 24.60 -2.39
C GLY C 16 0.60 24.98 -2.86
N ASP C 17 0.08 24.32 -3.91
CA ASP C 17 -1.23 24.64 -4.48
C ASP C 17 -2.32 23.83 -3.77
N GLN C 18 -3.58 24.20 -3.98
CA GLN C 18 -4.70 23.43 -3.44
C GLN C 18 -5.15 22.36 -4.42
N ALA C 19 -5.12 21.09 -3.98
CA ALA C 19 -5.68 19.96 -4.72
C ALA C 19 -6.98 19.53 -4.06
N SER C 20 -7.95 19.12 -4.87
CA SER C 20 -9.19 18.54 -4.34
C SER C 20 -9.70 17.40 -5.23
N ILE C 21 -10.20 16.34 -4.58
CA ILE C 21 -10.65 15.13 -5.25
C ILE C 21 -12.11 14.87 -4.92
N SER C 22 -12.92 14.64 -5.96
CA SER C 22 -14.34 14.32 -5.78
C SER C 22 -14.56 12.80 -5.70
N CYS C 23 -15.54 12.38 -4.89
CA CYS C 23 -15.98 10.99 -4.83
C CYS C 23 -17.50 10.94 -4.81
N ARG C 24 -18.07 10.35 -5.86
CA ARG C 24 -19.51 10.31 -6.06
C ARG C 24 -20.02 8.89 -5.89
N SER C 25 -20.97 8.71 -4.98
CA SER C 25 -21.61 7.40 -4.78
C SER C 25 -22.90 7.31 -5.61
N SER C 26 -23.31 6.07 -5.92
CA SER C 26 -24.51 5.82 -6.75
C SER C 26 -25.81 5.91 -5.94
N GLN C 27 -25.71 5.89 -4.62
CA GLN C 27 -26.84 6.06 -3.73
C GLN C 27 -26.33 6.58 -2.39
N HIS C 28 -27.25 6.86 -1.47
CA HIS C 28 -26.88 7.37 -0.15
C HIS C 28 -26.05 6.34 0.62
N ILE C 29 -25.14 6.82 1.46
CA ILE C 29 -24.28 5.94 2.25
C ILE C 29 -24.36 6.27 3.74
N VAL C 30 -25.58 6.53 4.23
CA VAL C 30 -25.81 6.69 5.67
C VAL C 30 -26.15 5.32 6.23
N HIS C 31 -25.25 4.79 7.06
CA HIS C 31 -25.43 3.51 7.77
C HIS C 31 -26.70 3.60 8.64
N SER C 32 -27.35 2.47 8.94
CA SER C 32 -28.61 2.52 9.71
C SER C 32 -28.46 3.07 11.16
N ASN C 33 -27.25 2.98 11.72
CA ASN C 33 -26.86 3.72 12.93
C ASN C 33 -26.64 5.24 12.77
N GLU C 34 -26.89 5.78 11.57
CA GLU C 34 -26.88 7.22 11.25
C GLU C 34 -25.50 7.86 11.08
N ASN C 35 -24.44 7.05 11.07
CA ASN C 35 -23.11 7.49 10.63
C ASN C 35 -22.94 7.25 9.14
N THR C 36 -22.09 8.06 8.53
CA THR C 36 -21.75 7.94 7.12
C THR C 36 -20.28 7.54 7.06
N TYR C 37 -20.04 6.26 6.82
CA TYR C 37 -18.68 5.69 6.82
C TYR C 37 -17.94 5.91 5.49
N LEU C 38 -17.88 7.16 5.04
CA LEU C 38 -17.01 7.52 3.94
C LEU C 38 -15.60 7.75 4.48
N GLU C 39 -14.63 7.06 3.89
CA GLU C 39 -13.24 7.13 4.30
C GLU C 39 -12.35 7.44 3.09
N TRP C 40 -11.25 8.15 3.33
CA TRP C 40 -10.25 8.47 2.31
C TRP C 40 -8.91 7.84 2.71
N TYR C 41 -8.26 7.18 1.76
CA TYR C 41 -6.95 6.55 1.96
C TYR C 41 -5.95 7.09 0.93
N LEU C 42 -4.68 7.17 1.32
CA LEU C 42 -3.58 7.49 0.41
C LEU C 42 -2.62 6.32 0.33
N GLN C 43 -2.45 5.76 -0.88
CA GLN C 43 -1.41 4.75 -1.15
C GLN C 43 -0.18 5.40 -1.78
N LYS C 44 0.87 5.58 -0.97
CA LYS C 44 2.16 6.06 -1.49
C LYS C 44 2.83 4.92 -2.26
N PRO C 45 3.70 5.26 -3.24
CA PRO C 45 4.33 4.20 -4.04
C PRO C 45 5.18 3.23 -3.20
N GLY C 46 4.95 1.94 -3.39
CA GLY C 46 5.64 0.89 -2.66
C GLY C 46 5.20 0.71 -1.22
N GLN C 47 4.00 1.18 -0.90
CA GLN C 47 3.42 1.05 0.44
C GLN C 47 1.97 0.64 0.35
N SER C 48 1.45 0.20 1.48
CA SER C 48 0.03 -0.10 1.61
C SER C 48 -0.74 1.20 1.82
N PRO C 49 -2.07 1.21 1.55
CA PRO C 49 -2.88 2.39 1.81
C PRO C 49 -2.80 2.87 3.26
N LYS C 50 -2.83 4.19 3.46
CA LYS C 50 -2.83 4.81 4.79
C LYS C 50 -4.09 5.66 4.97
N LEU C 51 -4.71 5.58 6.14
CA LEU C 51 -5.92 6.33 6.46
C LEU C 51 -5.63 7.81 6.70
N LEU C 52 -6.38 8.66 6.02
CA LEU C 52 -6.33 10.11 6.20
C LEU C 52 -7.58 10.60 6.94
N ILE C 53 -8.75 10.23 6.41
CA ILE C 53 -10.03 10.75 6.89
C ILE C 53 -11.04 9.60 7.05
N TYR C 54 -11.79 9.65 8.15
CA TYR C 54 -12.88 8.70 8.42
C TYR C 54 -14.17 9.44 8.76
N LYS C 55 -15.27 8.71 8.68
CA LYS C 55 -16.63 9.25 8.79
C LYS C 55 -16.75 10.66 8.19
N VAL C 56 -16.44 10.75 6.89
CA VAL C 56 -16.63 11.95 6.06
C VAL C 56 -15.59 13.05 6.28
N SER C 57 -15.43 13.53 7.51
CA SER C 57 -14.65 14.74 7.80
C SER C 57 -13.65 14.65 8.97
N ASN C 58 -13.49 13.48 9.58
CA ASN C 58 -12.64 13.33 10.75
C ASN C 58 -11.22 12.95 10.34
N ARG C 59 -10.30 13.86 10.61
CA ARG C 59 -8.88 13.68 10.34
C ARG C 59 -8.28 12.66 11.33
N PHE C 60 -7.65 11.62 10.81
CA PHE C 60 -7.02 10.56 11.62
C PHE C 60 -5.73 11.08 12.29
N SER C 61 -5.38 10.49 13.44
CA SER C 61 -4.17 10.90 14.21
C SER C 61 -2.91 10.89 13.36
N GLY C 62 -2.09 11.93 13.49
CA GLY C 62 -0.89 12.09 12.67
C GLY C 62 -1.09 12.81 11.35
N VAL C 63 -2.33 12.88 10.85
CA VAL C 63 -2.61 13.45 9.53
C VAL C 63 -2.58 14.98 9.64
N PRO C 64 -1.78 15.67 8.78
CA PRO C 64 -1.74 17.14 8.84
C PRO C 64 -3.07 17.82 8.54
N ASP C 65 -3.31 18.97 9.17
CA ASP C 65 -4.57 19.72 9.00
C ASP C 65 -4.80 20.29 7.59
N ARG C 66 -3.76 20.30 6.75
CA ARG C 66 -3.94 20.64 5.33
C ARG C 66 -4.90 19.67 4.62
N PHE C 67 -4.98 18.43 5.12
CA PHE C 67 -5.98 17.46 4.66
C PHE C 67 -7.34 17.70 5.29
N SER C 68 -8.37 17.75 4.45
CA SER C 68 -9.73 18.11 4.89
C SER C 68 -10.77 17.34 4.06
N GLY C 69 -11.76 16.77 4.74
CA GLY C 69 -12.82 16.00 4.11
C GLY C 69 -14.20 16.59 4.37
N SER C 70 -15.09 16.49 3.40
CA SER C 70 -16.45 17.01 3.54
C SER C 70 -17.42 16.36 2.57
N GLY C 71 -18.69 16.77 2.67
CA GLY C 71 -19.73 16.38 1.73
C GLY C 71 -20.86 15.58 2.34
N SER C 72 -21.91 15.40 1.57
CA SER C 72 -23.10 14.68 2.03
C SER C 72 -23.96 14.21 0.85
N GLY C 73 -24.93 13.35 1.14
CA GLY C 73 -25.77 12.73 0.12
C GLY C 73 -24.98 11.72 -0.69
N THR C 74 -24.66 12.09 -1.94
CA THR C 74 -23.84 11.26 -2.80
C THR C 74 -22.55 11.97 -3.24
N ASP C 75 -22.24 13.11 -2.62
CA ASP C 75 -21.22 14.03 -3.12
C ASP C 75 -20.19 14.37 -2.03
N PHE C 76 -18.99 13.82 -2.14
CA PHE C 76 -17.97 13.95 -1.09
C PHE C 76 -16.64 14.41 -1.66
N THR C 77 -15.88 15.17 -0.87
CA THR C 77 -14.66 15.82 -1.35
C THR C 77 -13.53 15.78 -0.32
N LEU C 78 -12.34 15.39 -0.79
CA LEU C 78 -11.09 15.54 -0.03
C LEU C 78 -10.33 16.74 -0.59
N LYS C 79 -9.84 17.61 0.29
CA LYS C 79 -9.04 18.77 -0.13
C LYS C 79 -7.70 18.79 0.59
N ILE C 80 -6.66 19.17 -0.15
CA ILE C 80 -5.32 19.35 0.39
C ILE C 80 -4.97 20.80 0.11
N SER C 81 -4.78 21.60 1.15
CA SER C 81 -4.67 23.07 1.05
C SER C 81 -3.30 23.56 0.53
N ARG C 82 -2.23 22.88 0.96
CA ARG C 82 -0.87 23.19 0.52
C ARG C 82 -0.11 21.88 0.23
N VAL C 83 -0.10 21.48 -1.04
CA VAL C 83 0.40 20.16 -1.45
C VAL C 83 1.94 20.07 -1.34
N GLU C 84 2.42 19.24 -0.42
N GLU C 84 2.43 19.23 -0.43
CA GLU C 84 3.85 18.96 -0.27
CA GLU C 84 3.85 18.97 -0.28
C GLU C 84 4.21 17.75 -1.13
C GLU C 84 4.21 17.75 -1.13
N ALA C 85 5.51 17.53 -1.32
CA ALA C 85 6.01 16.44 -2.21
C ALA C 85 5.65 15.03 -1.73
N GLU C 86 5.58 14.88 -0.41
CA GLU C 86 5.25 13.59 0.21
C GLU C 86 3.76 13.22 0.06
N ASP C 87 2.93 14.14 -0.44
CA ASP C 87 1.52 13.87 -0.70
C ASP C 87 1.26 13.00 -1.95
N LEU C 88 2.25 12.82 -2.82
CA LEU C 88 2.04 12.05 -4.07
C LEU C 88 1.68 10.60 -3.77
N GLY C 89 0.95 9.99 -4.70
CA GLY C 89 0.43 8.63 -4.55
C GLY C 89 -0.98 8.55 -5.08
N VAL C 90 -1.63 7.42 -4.83
CA VAL C 90 -3.03 7.19 -5.25
C VAL C 90 -3.99 7.37 -4.07
N TYR C 91 -5.02 8.19 -4.28
CA TYR C 91 -6.05 8.47 -3.27
C TYR C 91 -7.31 7.68 -3.57
N TYR C 92 -7.83 6.96 -2.57
CA TYR C 92 -9.06 6.16 -2.69
C TYR C 92 -10.11 6.61 -1.70
N CYS C 93 -11.33 6.84 -2.18
CA CYS C 93 -12.48 6.96 -1.28
C CYS C 93 -13.07 5.55 -1.08
N PHE C 94 -13.69 5.35 0.09
CA PHE C 94 -14.23 4.05 0.49
C PHE C 94 -15.53 4.27 1.25
N GLN C 95 -16.52 3.41 1.04
CA GLN C 95 -17.74 3.44 1.85
C GLN C 95 -17.84 2.16 2.65
N GLY C 96 -17.96 2.30 3.97
CA GLY C 96 -18.23 1.17 4.87
C GLY C 96 -19.64 1.19 5.43
N SER C 97 -20.60 1.75 4.68
CA SER C 97 -21.95 1.95 5.17
C SER C 97 -22.92 0.84 4.75
N HIS C 98 -22.86 0.42 3.49
CA HIS C 98 -23.74 -0.62 2.95
C HIS C 98 -22.92 -1.76 2.34
N VAL C 99 -23.26 -2.99 2.73
CA VAL C 99 -22.60 -4.21 2.25
C VAL C 99 -23.05 -4.52 0.80
N PRO C 100 -22.16 -4.98 -0.09
CA PRO C 100 -20.72 -5.10 0.13
C PRO C 100 -20.04 -3.75 0.12
N TRP C 101 -19.03 -3.59 0.99
CA TRP C 101 -18.25 -2.36 1.04
C TRP C 101 -17.44 -2.21 -0.23
N THR C 102 -17.28 -0.97 -0.69
CA THR C 102 -16.75 -0.70 -2.04
C THR C 102 -15.82 0.50 -2.04
N PHE C 103 -14.76 0.37 -2.83
CA PHE C 103 -13.80 1.45 -3.03
C PHE C 103 -14.08 2.21 -4.32
N GLY C 104 -13.67 3.47 -4.35
CA GLY C 104 -13.56 4.21 -5.61
C GLY C 104 -12.42 3.67 -6.47
N GLY C 105 -12.36 4.11 -7.72
CA GLY C 105 -11.35 3.66 -8.67
C GLY C 105 -9.92 4.16 -8.45
N GLY C 106 -9.75 5.22 -7.65
CA GLY C 106 -8.43 5.78 -7.35
C GLY C 106 -8.16 7.09 -8.09
N THR C 107 -7.43 7.99 -7.45
CA THR C 107 -7.02 9.27 -8.05
C THR C 107 -5.52 9.44 -7.83
N LYS C 108 -4.76 9.48 -8.93
CA LYS C 108 -3.31 9.52 -8.87
C LYS C 108 -2.84 10.96 -8.81
N LEU C 109 -2.29 11.36 -7.66
CA LEU C 109 -1.75 12.72 -7.50
C LEU C 109 -0.31 12.74 -7.98
N GLU C 110 0.00 13.59 -8.96
CA GLU C 110 1.39 13.85 -9.34
C GLU C 110 1.79 15.30 -9.05
N ILE C 111 3.02 15.49 -8.58
CA ILE C 111 3.59 16.80 -8.37
C ILE C 111 3.99 17.38 -9.73
N LYS C 112 3.39 18.52 -10.08
CA LYS C 112 3.73 19.25 -11.30
C LYS C 112 4.88 20.20 -11.00
N ARG C 113 6.10 19.79 -11.37
CA ARG C 113 7.33 20.56 -11.13
C ARG C 113 7.93 21.04 -12.47
N THR C 114 9.00 21.82 -12.41
CA THR C 114 9.61 22.40 -13.61
C THR C 114 10.21 21.30 -14.48
N VAL C 115 10.32 21.54 -15.78
CA VAL C 115 10.81 20.52 -16.71
C VAL C 115 12.25 20.14 -16.36
N ALA C 116 12.48 18.84 -16.25
CA ALA C 116 13.81 18.29 -15.98
C ALA C 116 14.17 17.30 -17.09
N ALA C 117 15.24 17.59 -17.82
CA ALA C 117 15.73 16.69 -18.88
C ALA C 117 16.38 15.45 -18.23
N PRO C 118 16.19 14.26 -18.84
CA PRO C 118 16.86 13.08 -18.27
C PRO C 118 18.36 13.10 -18.47
N SER C 119 19.10 12.47 -17.56
CA SER C 119 20.46 12.03 -17.83
C SER C 119 20.33 10.66 -18.49
N VAL C 120 20.91 10.51 -19.69
CA VAL C 120 20.77 9.27 -20.45
C VAL C 120 22.06 8.46 -20.37
N PHE C 121 21.92 7.18 -20.06
CA PHE C 121 23.03 6.24 -19.96
C PHE C 121 22.73 4.97 -20.74
N ILE C 122 23.77 4.32 -21.27
CA ILE C 122 23.63 3.04 -21.96
C ILE C 122 24.59 2.01 -21.34
N PHE C 123 24.11 0.77 -21.25
CA PHE C 123 24.89 -0.34 -20.69
C PHE C 123 24.98 -1.46 -21.71
N PRO C 124 26.21 -1.90 -22.04
CA PRO C 124 26.33 -3.09 -22.89
C PRO C 124 26.02 -4.35 -22.07
N PRO C 125 25.73 -5.47 -22.73
CA PRO C 125 25.53 -6.73 -21.99
C PRO C 125 26.84 -7.20 -21.38
N SER C 126 26.77 -7.85 -20.23
CA SER C 126 27.95 -8.37 -19.54
C SER C 126 28.48 -9.59 -20.26
N ASP C 127 29.74 -9.93 -19.99
CA ASP C 127 30.34 -11.18 -20.50
C ASP C 127 29.63 -12.40 -19.92
N GLU C 128 29.28 -12.32 -18.63
CA GLU C 128 28.61 -13.43 -17.94
C GLU C 128 27.31 -13.84 -18.65
N GLN C 129 26.54 -12.86 -19.11
CA GLN C 129 25.28 -13.13 -19.82
C GLN C 129 25.49 -13.69 -21.21
N LEU C 130 26.45 -13.14 -21.95
CA LEU C 130 26.70 -13.56 -23.34
C LEU C 130 27.12 -15.03 -23.46
N LYS C 131 27.78 -15.56 -22.43
CA LYS C 131 28.13 -16.99 -22.40
C LYS C 131 26.88 -17.87 -22.46
N SER C 132 25.78 -17.44 -21.81
CA SER C 132 24.51 -18.19 -21.80
C SER C 132 23.65 -18.04 -23.07
N GLY C 133 24.08 -17.21 -24.03
CA GLY C 133 23.47 -17.17 -25.36
C GLY C 133 22.52 -16.01 -25.64
N THR C 134 22.36 -15.10 -24.67
CA THR C 134 21.48 -13.94 -24.81
C THR C 134 22.27 -12.66 -24.52
N ALA C 135 21.85 -11.56 -25.17
CA ALA C 135 22.41 -10.23 -24.95
C ALA C 135 21.30 -9.24 -24.64
N SER C 136 21.36 -8.63 -23.45
CA SER C 136 20.47 -7.56 -23.03
C SER C 136 21.27 -6.27 -23.03
N VAL C 137 20.83 -5.30 -23.83
CA VAL C 137 21.41 -3.95 -23.84
C VAL C 137 20.40 -3.06 -23.12
N VAL C 138 20.84 -2.37 -22.07
CA VAL C 138 19.96 -1.55 -21.23
C VAL C 138 20.27 -0.08 -21.40
N CYS C 139 19.22 0.72 -21.62
CA CYS C 139 19.33 2.19 -21.64
C CYS C 139 18.55 2.81 -20.48
N LEU C 140 19.19 3.73 -19.76
CA LEU C 140 18.62 4.39 -18.57
C LEU C 140 18.34 5.87 -18.82
N LEU C 141 17.12 6.31 -18.51
CA LEU C 141 16.74 7.73 -18.49
C LEU C 141 16.43 8.05 -17.04
N ASN C 142 17.24 8.91 -16.43
CA ASN C 142 17.20 9.11 -14.98
C ASN C 142 16.79 10.53 -14.58
N ASN C 143 15.82 10.63 -13.67
CA ASN C 143 15.43 11.89 -13.02
C ASN C 143 14.96 12.97 -14.00
N PHE C 144 13.77 12.76 -14.56
CA PHE C 144 13.16 13.68 -15.52
C PHE C 144 11.69 13.95 -15.21
N TYR C 145 11.20 15.08 -15.72
CA TYR C 145 9.79 15.45 -15.64
C TYR C 145 9.45 16.30 -16.87
N PRO C 146 8.31 16.10 -17.54
CA PRO C 146 7.23 15.18 -17.14
C PRO C 146 7.48 13.71 -17.48
N ARG C 147 6.49 12.86 -17.20
CA ARG C 147 6.58 11.41 -17.47
C ARG C 147 6.84 11.08 -18.96
N GLU C 148 6.26 11.86 -19.87
CA GLU C 148 6.33 11.58 -21.32
C GLU C 148 7.76 11.60 -21.86
N ALA C 149 8.14 10.52 -22.53
CA ALA C 149 9.44 10.38 -23.17
C ALA C 149 9.41 9.25 -24.20
N LYS C 150 10.24 9.36 -25.24
CA LYS C 150 10.36 8.32 -26.27
C LYS C 150 11.78 7.76 -26.27
N VAL C 151 11.89 6.44 -26.16
CA VAL C 151 13.17 5.72 -26.26
C VAL C 151 13.16 4.92 -27.56
N GLN C 152 14.07 5.24 -28.47
CA GLN C 152 14.24 4.47 -29.71
C GLN C 152 15.60 3.77 -29.71
N TRP C 153 15.59 2.48 -30.02
CA TRP C 153 16.81 1.69 -30.17
C TRP C 153 17.24 1.66 -31.63
N LYS C 154 18.55 1.74 -31.85
CA LYS C 154 19.12 1.64 -33.20
C LYS C 154 20.35 0.75 -33.17
N VAL C 155 20.43 -0.14 -34.17
CA VAL C 155 21.55 -1.05 -34.33
C VAL C 155 22.11 -0.83 -35.74
N ASP C 156 23.26 -0.16 -35.82
CA ASP C 156 23.84 0.31 -37.09
C ASP C 156 22.88 1.22 -37.87
N ASN C 157 22.43 2.28 -37.20
CA ASN C 157 21.50 3.27 -37.77
C ASN C 157 20.14 2.72 -38.26
N ALA C 158 19.79 1.49 -37.85
CA ALA C 158 18.54 0.84 -38.26
C ALA C 158 17.58 0.77 -37.07
N LEU C 159 16.45 1.46 -37.17
CA LEU C 159 15.45 1.56 -36.09
C LEU C 159 14.94 0.16 -35.70
N GLN C 160 14.91 -0.12 -34.40
CA GLN C 160 14.47 -1.42 -33.90
C GLN C 160 12.99 -1.44 -33.57
N SER C 161 12.44 -2.64 -33.47
CA SER C 161 11.01 -2.83 -33.23
C SER C 161 10.72 -4.23 -32.70
N GLY C 162 9.86 -4.32 -31.69
CA GLY C 162 9.40 -5.59 -31.15
C GLY C 162 10.38 -6.38 -30.30
N ASN C 163 11.54 -5.81 -29.97
CA ASN C 163 12.60 -6.52 -29.24
C ASN C 163 13.11 -5.75 -28.02
N SER C 164 12.26 -4.88 -27.46
CA SER C 164 12.57 -4.13 -26.25
C SER C 164 11.36 -4.05 -25.32
N GLN C 165 11.64 -3.83 -24.04
CA GLN C 165 10.59 -3.63 -23.03
C GLN C 165 11.00 -2.47 -22.12
N GLU C 166 10.00 -1.71 -21.68
CA GLU C 166 10.19 -0.55 -20.81
C GLU C 166 9.60 -0.75 -19.43
N SER C 167 10.16 -0.01 -18.47
CA SER C 167 9.64 0.11 -17.12
C SER C 167 9.85 1.53 -16.64
N VAL C 168 8.81 2.15 -16.09
CA VAL C 168 8.91 3.48 -15.49
C VAL C 168 8.63 3.35 -14.00
N THR C 169 9.47 3.98 -13.18
CA THR C 169 9.21 4.12 -11.74
C THR C 169 8.03 5.06 -11.49
N GLU C 170 7.48 4.97 -10.29
CA GLU C 170 6.53 5.94 -9.79
C GLU C 170 7.29 7.22 -9.48
N GLN C 171 6.56 8.33 -9.33
CA GLN C 171 7.20 9.63 -9.08
C GLN C 171 7.92 9.59 -7.73
N ASP C 172 9.15 10.10 -7.70
CA ASP C 172 9.96 10.14 -6.48
C ASP C 172 9.60 11.39 -5.71
N SER C 173 9.22 11.22 -4.44
CA SER C 173 8.90 12.36 -3.57
C SER C 173 10.11 13.26 -3.29
N LYS C 174 11.31 12.68 -3.30
CA LYS C 174 12.56 13.43 -3.06
C LYS C 174 12.76 14.61 -4.01
N ASP C 175 12.49 14.40 -5.31
CA ASP C 175 12.64 15.48 -6.32
C ASP C 175 11.52 15.61 -7.39
N SER C 176 10.41 14.88 -7.21
CA SER C 176 9.25 14.90 -8.13
C SER C 176 9.57 14.46 -9.56
N THR C 177 10.54 13.56 -9.72
CA THR C 177 10.97 13.08 -11.05
C THR C 177 10.58 11.63 -11.30
N TYR C 178 10.77 11.18 -12.54
CA TYR C 178 10.63 9.78 -12.93
C TYR C 178 11.95 9.29 -13.50
N SER C 179 12.09 7.97 -13.52
CA SER C 179 13.18 7.32 -14.22
C SER C 179 12.62 6.17 -15.05
N LEU C 180 13.30 5.86 -16.15
CA LEU C 180 12.83 4.90 -17.15
C LEU C 180 13.98 4.00 -17.57
N SER C 181 13.72 2.69 -17.67
CA SER C 181 14.70 1.72 -18.18
C SER C 181 14.14 1.05 -19.45
N SER C 182 14.97 0.95 -20.48
CA SER C 182 14.59 0.28 -21.72
C SER C 182 15.61 -0.82 -21.98
N THR C 183 15.11 -2.07 -22.10
CA THR C 183 15.96 -3.22 -22.35
C THR C 183 15.76 -3.73 -23.76
N LEU C 184 16.84 -3.73 -24.55
CA LEU C 184 16.88 -4.36 -25.86
C LEU C 184 17.42 -5.77 -25.66
N THR C 185 16.64 -6.78 -26.07
CA THR C 185 17.03 -8.19 -25.88
C THR C 185 17.25 -8.86 -27.23
N LEU C 186 18.50 -9.27 -27.48
CA LEU C 186 18.89 -9.99 -28.70
C LEU C 186 19.56 -11.31 -28.33
N SER C 187 19.65 -12.22 -29.30
CA SER C 187 20.48 -13.42 -29.17
C SER C 187 21.96 -13.02 -29.28
N LYS C 188 22.85 -13.88 -28.78
CA LYS C 188 24.29 -13.63 -28.85
C LYS C 188 24.77 -13.48 -30.30
N ALA C 189 24.25 -14.34 -31.19
CA ALA C 189 24.55 -14.26 -32.62
C ALA C 189 24.19 -12.89 -33.20
N ASP C 190 22.92 -12.50 -33.09
CA ASP C 190 22.45 -11.19 -33.56
C ASP C 190 23.24 -10.04 -32.96
N TYR C 191 23.54 -10.14 -31.67
CA TYR C 191 24.34 -9.11 -31.00
C TYR C 191 25.75 -8.99 -31.60
N GLU C 192 26.41 -10.12 -31.80
CA GLU C 192 27.78 -10.09 -32.35
C GLU C 192 27.87 -9.80 -33.85
N LYS C 193 26.74 -9.82 -34.57
CA LYS C 193 26.67 -9.44 -35.99
C LYS C 193 26.62 -7.93 -36.29
N HIS C 194 26.51 -7.07 -35.27
CA HIS C 194 26.44 -5.62 -35.46
C HIS C 194 27.42 -4.87 -34.55
N LYS C 195 27.79 -3.66 -34.96
CA LYS C 195 28.81 -2.86 -34.25
C LYS C 195 28.20 -1.78 -33.34
N VAL C 196 27.40 -0.89 -33.94
CA VAL C 196 26.91 0.32 -33.26
C VAL C 196 25.54 0.07 -32.64
N TYR C 197 25.46 0.19 -31.32
CA TYR C 197 24.21 0.09 -30.57
C TYR C 197 23.93 1.42 -29.92
N ALA C 198 22.76 1.99 -30.22
CA ALA C 198 22.41 3.36 -29.81
C ALA C 198 21.03 3.45 -29.19
N CYS C 199 20.94 4.25 -28.12
CA CYS C 199 19.69 4.60 -27.47
C CYS C 199 19.39 6.08 -27.79
N GLU C 200 18.27 6.34 -28.45
CA GLU C 200 17.88 7.71 -28.81
C GLU C 200 16.69 8.18 -27.98
N VAL C 201 16.86 9.30 -27.27
CA VAL C 201 15.87 9.79 -26.32
C VAL C 201 15.27 11.13 -26.74
N THR C 202 13.93 11.19 -26.76
CA THR C 202 13.19 12.43 -27.02
C THR C 202 12.41 12.84 -25.77
N HIS C 203 12.57 14.11 -25.36
CA HIS C 203 11.92 14.62 -24.15
C HIS C 203 11.88 16.16 -24.15
N GLN C 204 10.81 16.71 -23.57
CA GLN C 204 10.52 18.16 -23.57
C GLN C 204 11.71 19.04 -23.15
N GLY C 205 12.37 18.64 -22.07
CA GLY C 205 13.57 19.32 -21.58
C GLY C 205 14.82 19.29 -22.44
N LEU C 206 14.84 18.42 -23.46
CA LEU C 206 15.95 18.36 -24.43
C LEU C 206 15.64 19.18 -25.69
N SER C 207 16.55 20.11 -26.03
CA SER C 207 16.40 20.93 -27.25
C SER C 207 16.13 20.04 -28.47
N SER C 208 17.02 19.09 -28.69
CA SER C 208 16.87 18.07 -29.73
C SER C 208 17.14 16.72 -29.10
N PRO C 209 16.71 15.61 -29.74
CA PRO C 209 16.92 14.29 -29.14
C PRO C 209 18.39 13.98 -28.83
N VAL C 210 18.62 13.19 -27.79
CA VAL C 210 19.96 12.81 -27.34
C VAL C 210 20.20 11.34 -27.66
N THR C 211 21.39 11.03 -28.15
CA THR C 211 21.81 9.68 -28.47
C THR C 211 23.01 9.30 -27.61
N LYS C 212 22.87 8.19 -26.89
CA LYS C 212 24.00 7.51 -26.27
C LYS C 212 24.19 6.19 -26.99
N SER C 213 25.44 5.84 -27.27
CA SER C 213 25.77 4.64 -28.04
C SER C 213 27.15 4.08 -27.71
N PHE C 214 27.43 2.90 -28.26
CA PHE C 214 28.74 2.27 -28.15
C PHE C 214 29.01 1.33 -29.31
N ASN C 215 30.28 0.97 -29.48
CA ASN C 215 30.72 -0.05 -30.43
C ASN C 215 31.06 -1.32 -29.66
N ARG C 216 30.51 -2.46 -30.09
CA ARG C 216 30.82 -3.74 -29.47
C ARG C 216 32.34 -3.99 -29.50
N GLY C 217 32.97 -4.02 -28.32
CA GLY C 217 34.42 -4.17 -28.22
C GLY C 217 35.18 -2.91 -28.59
#